data_1VP2
#
_entry.id   1VP2
#
_cell.length_a   142.851
_cell.length_b   142.851
_cell.length_c   45.082
_cell.angle_alpha   90.00
_cell.angle_beta   90.00
_cell.angle_gamma   90.00
#
_symmetry.space_group_name_H-M   'P 41 21 2'
#
loop_
_entity.id
_entity.type
_entity.pdbx_description
1 polymer 'Putative Xanthosine triphosphate pyrophosphatase/HAM1 protein homolog'
2 non-polymer 'SULFATE ION'
3 water water
#
_entity_poly.entity_id   1
_entity_poly.type   'polypeptide(L)'
_entity_poly.pdbx_seq_one_letter_code
;MGSDKIHHHHHHMKKLTVYLATTNPHKVEEIKMIAPEWMEILPSPEKIEVVEDGETFLENSVKKAVVYGKKLKHPVMADD
SGLVIYSLGGFPGVMSARFMEEHSYKEKMRTILKMLEGKDRRAAFVCSATFFDPVENTLISVEDRVEGRIANEIRGTGGF
GYDPFFIPDGYDKTFGEIPHLKEKISHRSKAFRKLFSVLEKILESENR
;
_entity_poly.pdbx_strand_id   A,B
#
# COMPACT_ATOMS: atom_id res chain seq x y z
N LYS A 15 11.22 32.25 18.85
CA LYS A 15 10.88 33.25 17.80
C LYS A 15 9.82 32.68 16.86
N LEU A 16 9.98 31.42 16.44
CA LEU A 16 8.93 30.72 15.71
C LEU A 16 8.46 29.49 16.52
N THR A 17 7.18 29.48 16.85
CA THR A 17 6.53 28.32 17.41
C THR A 17 5.90 27.55 16.27
N VAL A 18 6.15 26.24 16.21
CA VAL A 18 5.68 25.40 15.11
C VAL A 18 5.12 24.11 15.70
N TYR A 19 3.95 23.69 15.23
CA TYR A 19 3.37 22.42 15.64
C TYR A 19 3.91 21.28 14.79
N LEU A 20 4.10 20.10 15.38
CA LEU A 20 4.34 18.91 14.58
C LEU A 20 3.05 18.17 14.31
N ALA A 21 2.92 17.63 13.11
CA ALA A 21 1.68 17.01 12.59
C ALA A 21 1.79 15.49 12.71
N THR A 22 2.08 15.05 13.91
CA THR A 22 2.32 13.64 14.22
C THR A 22 2.20 13.53 15.70
N THR A 23 1.56 12.47 16.14
CA THR A 23 1.48 12.18 17.55
C THR A 23 2.45 11.01 17.88
N ASN A 24 3.22 10.55 16.88
CA ASN A 24 4.23 9.51 17.08
C ASN A 24 5.33 10.02 18.03
N PRO A 25 5.41 9.49 19.25
CA PRO A 25 6.37 10.04 20.26
C PRO A 25 7.84 10.00 19.83
N HIS A 26 8.20 8.97 19.06
CA HIS A 26 9.59 8.78 18.63
C HIS A 26 10.00 9.86 17.64
N LYS A 27 9.08 10.17 16.70
CA LYS A 27 9.27 11.25 15.75
C LYS A 27 9.34 12.61 16.46
N VAL A 28 8.47 12.86 17.45
CA VAL A 28 8.53 14.15 18.15
C VAL A 28 9.85 14.31 18.88
N GLU A 29 10.29 13.22 19.53
CA GLU A 29 11.56 13.29 20.27
C GLU A 29 12.67 13.64 19.31
N GLU A 30 12.74 12.89 18.21
CA GLU A 30 13.84 12.98 17.27
C GLU A 30 13.91 14.36 16.64
N ILE A 31 12.77 14.98 16.36
CA ILE A 31 12.77 16.30 15.74
C ILE A 31 13.10 17.40 16.75
N LYS A 32 12.48 17.34 17.93
CA LYS A 32 12.79 18.28 19.01
C LYS A 32 14.29 18.35 19.28
N MET A 33 14.96 17.21 19.32
CA MET A 33 16.41 17.23 19.66
C MET A 33 17.34 17.84 18.61
N ILE A 34 16.86 18.09 17.39
CA ILE A 34 17.69 18.74 16.36
C ILE A 34 17.16 20.12 15.93
N ALA A 35 16.06 20.57 16.50
CA ALA A 35 15.46 21.88 16.18
C ALA A 35 16.49 22.97 16.40
N PRO A 36 16.48 24.03 15.59
CA PRO A 36 17.34 25.20 15.82
C PRO A 36 16.89 26.02 17.04
N GLU A 37 17.81 26.81 17.60
CA GLU A 37 17.55 27.54 18.83
C GLU A 37 16.38 28.51 18.65
N TRP A 38 16.12 28.95 17.42
CA TRP A 38 15.05 29.90 17.12
C TRP A 38 13.65 29.30 16.93
N MET A 39 13.56 27.97 16.96
CA MET A 39 12.29 27.29 16.75
C MET A 39 11.81 26.62 18.00
N GLU A 40 10.58 26.92 18.43
CA GLU A 40 9.97 26.18 19.52
C GLU A 40 9.03 25.20 18.86
N ILE A 41 9.33 23.92 19.01
CA ILE A 41 8.54 22.86 18.39
C ILE A 41 7.61 22.31 19.44
N LEU A 42 6.30 22.41 19.20
CA LEU A 42 5.28 21.79 20.08
C LEU A 42 4.55 20.67 19.37
N PRO A 43 4.09 19.66 20.11
CA PRO A 43 3.21 18.64 19.53
C PRO A 43 1.84 19.23 19.31
N SER A 44 1.17 18.75 18.27
CA SER A 44 -0.19 19.20 17.98
C SER A 44 -1.09 18.89 19.18
N PRO A 45 -1.82 19.90 19.65
CA PRO A 45 -2.75 19.69 20.75
C PRO A 45 -4.07 19.03 20.37
N GLU A 46 -4.20 18.55 19.13
CA GLU A 46 -5.30 17.68 18.73
C GLU A 46 -4.78 16.63 17.72
N LYS A 47 -5.19 15.37 17.91
CA LYS A 47 -4.93 14.29 16.96
C LYS A 47 -5.92 14.46 15.81
N ILE A 48 -5.42 14.74 14.63
CA ILE A 48 -6.28 15.05 13.50
C ILE A 48 -6.20 13.85 12.59
N GLU A 49 -7.34 13.38 12.09
CA GLU A 49 -7.42 12.26 11.13
C GLU A 49 -6.94 12.70 9.72
N VAL A 50 -6.00 11.94 9.17
CA VAL A 50 -5.52 12.15 7.83
C VAL A 50 -5.53 10.80 7.12
N VAL A 51 -6.29 10.71 6.02
CA VAL A 51 -6.15 9.58 5.08
C VAL A 51 -4.81 9.70 4.35
N GLU A 52 -3.83 8.86 4.71
CA GLU A 52 -2.53 8.90 4.04
C GLU A 52 -2.52 7.98 2.80
N ASP A 53 -3.10 8.48 1.73
CA ASP A 53 -3.30 7.69 0.52
C ASP A 53 -2.38 8.14 -0.64
N GLY A 54 -1.26 8.80 -0.31
CA GLY A 54 -0.28 9.19 -1.31
C GLY A 54 0.53 8.01 -1.78
N GLU A 55 0.94 8.05 -3.04
CA GLU A 55 1.77 7.05 -3.59
C GLU A 55 3.20 7.21 -3.10
N THR A 56 3.56 8.40 -2.59
CA THR A 56 4.96 8.67 -2.24
C THR A 56 4.99 9.38 -0.86
N PHE A 57 6.18 9.41 -0.27
CA PHE A 57 6.37 10.03 1.02
C PHE A 57 6.04 11.49 0.91
N LEU A 58 6.49 12.13 -0.19
CA LEU A 58 6.23 13.56 -0.38
C LEU A 58 4.72 13.85 -0.35
N GLU A 59 3.91 13.06 -1.04
CA GLU A 59 2.50 13.30 -1.10
C GLU A 59 1.85 13.18 0.28
N ASN A 60 2.29 12.21 1.07
CA ASN A 60 1.73 12.03 2.41
C ASN A 60 2.19 13.12 3.37
N SER A 61 3.45 13.56 3.25
CA SER A 61 3.98 14.61 4.10
C SER A 61 3.24 15.92 3.82
N VAL A 62 3.02 16.22 2.53
CA VAL A 62 2.25 17.40 2.17
C VAL A 62 0.80 17.32 2.64
N LYS A 63 0.15 16.17 2.48
CA LYS A 63 -1.22 16.06 2.89
C LYS A 63 -1.40 16.30 4.38
N LYS A 64 -0.55 15.66 5.18
CA LYS A 64 -0.62 15.83 6.63
C LYS A 64 -0.38 17.28 6.99
N ALA A 65 0.63 17.90 6.38
CA ALA A 65 0.97 19.30 6.72
C ALA A 65 -0.22 20.21 6.42
N VAL A 66 -0.87 19.99 5.29
CA VAL A 66 -1.98 20.82 4.86
C VAL A 66 -3.23 20.63 5.75
N VAL A 67 -3.56 19.39 6.03
CA VAL A 67 -4.70 19.09 6.87
C VAL A 67 -4.52 19.70 8.28
N TYR A 68 -3.36 19.50 8.91
CA TYR A 68 -3.15 20.04 10.23
C TYR A 68 -3.11 21.58 10.21
N GLY A 69 -2.42 22.13 9.22
CA GLY A 69 -2.30 23.58 9.11
C GLY A 69 -3.64 24.25 8.94
N LYS A 70 -4.50 23.70 8.09
CA LYS A 70 -5.84 24.29 7.91
C LYS A 70 -6.66 24.22 9.21
N LYS A 71 -6.48 23.14 9.99
CA LYS A 71 -7.20 23.01 11.27
C LYS A 71 -6.67 23.91 12.36
N LEU A 72 -5.35 23.97 12.51
CA LEU A 72 -4.71 24.68 13.64
C LEU A 72 -4.57 26.18 13.38
N LYS A 73 -4.60 26.56 12.09
CA LYS A 73 -4.42 27.94 11.66
C LYS A 73 -3.12 28.50 12.22
N HIS A 74 -2.07 27.69 12.19
CA HIS A 74 -0.78 28.06 12.77
C HIS A 74 0.28 27.25 12.01
N PRO A 75 1.52 27.76 11.83
CA PRO A 75 2.59 26.96 11.15
C PRO A 75 2.80 25.56 11.74
N VAL A 76 2.95 24.62 10.84
CA VAL A 76 3.09 23.21 11.20
C VAL A 76 4.20 22.60 10.37
N MET A 77 4.79 21.53 10.87
CA MET A 77 5.64 20.65 10.04
C MET A 77 5.15 19.22 10.13
N ALA A 78 5.30 18.49 9.02
CA ALA A 78 4.95 17.06 8.97
C ALA A 78 6.14 16.25 8.44
N ASP A 79 6.05 14.95 8.70
CA ASP A 79 7.05 13.95 8.33
C ASP A 79 6.32 12.76 7.75
N ASP A 80 6.68 12.32 6.53
CA ASP A 80 6.32 10.98 6.13
C ASP A 80 7.59 10.25 5.73
N SER A 81 7.76 9.07 6.28
CA SER A 81 9.05 8.39 6.20
C SER A 81 8.87 6.89 6.10
N GLY A 82 9.94 6.22 5.66
CA GLY A 82 9.83 4.78 5.41
C GLY A 82 11.15 4.10 5.04
N LEU A 83 11.12 2.78 5.12
CA LEU A 83 12.20 1.88 4.77
C LEU A 83 11.94 1.40 3.37
N VAL A 84 12.96 1.53 2.53
CA VAL A 84 12.92 1.14 1.12
C VAL A 84 14.00 0.09 0.82
N ILE A 85 13.61 -1.14 0.51
CA ILE A 85 14.53 -2.23 0.21
C ILE A 85 14.50 -2.47 -1.30
N TYR A 86 15.66 -2.21 -1.93
CA TYR A 86 15.73 -2.12 -3.39
C TYR A 86 15.38 -3.43 -4.08
N SER A 87 15.84 -4.54 -3.52
CA SER A 87 15.61 -5.86 -4.10
C SER A 87 14.16 -6.37 -4.02
N LEU A 88 13.35 -5.70 -3.20
CA LEU A 88 11.92 -5.99 -2.95
C LEU A 88 11.02 -4.92 -3.56
N GLY A 89 11.52 -4.35 -4.64
CA GLY A 89 10.81 -3.29 -5.33
C GLY A 89 10.55 -2.04 -4.53
N GLY A 90 11.36 -1.80 -3.50
CA GLY A 90 11.14 -0.63 -2.66
C GLY A 90 10.25 -0.81 -1.43
N PHE A 91 9.78 -2.04 -1.23
CA PHE A 91 8.99 -2.45 -0.08
C PHE A 91 9.82 -2.31 1.19
N PRO A 92 9.19 -1.99 2.33
CA PRO A 92 7.75 -1.67 2.44
C PRO A 92 7.36 -0.21 2.02
N GLY A 93 8.31 0.73 2.01
CA GLY A 93 8.06 2.08 1.44
C GLY A 93 6.99 2.80 2.23
N VAL A 94 5.98 3.35 1.53
CA VAL A 94 4.86 4.05 2.20
C VAL A 94 3.96 3.14 3.05
N MET A 95 4.09 1.82 2.89
CA MET A 95 3.45 0.86 3.80
C MET A 95 4.32 0.44 4.98
N SER A 96 5.36 1.21 5.32
CA SER A 96 6.27 0.87 6.41
C SER A 96 5.55 0.63 7.73
N ALA A 97 4.64 1.52 8.10
CA ALA A 97 3.85 1.34 9.33
C ALA A 97 2.66 0.41 9.13
N ARG A 98 1.95 0.55 8.00
CA ARG A 98 0.70 -0.18 7.76
C ARG A 98 0.99 -1.71 7.59
N PHE A 99 2.17 -2.07 7.10
CA PHE A 99 2.52 -3.49 6.95
C PHE A 99 2.47 -4.19 8.30
N MET A 100 1.63 -5.23 8.41
CA MET A 100 1.54 -6.04 9.63
C MET A 100 1.37 -5.14 10.88
N GLU A 101 0.54 -4.11 10.75
CA GLU A 101 0.52 -3.03 11.76
C GLU A 101 0.10 -3.49 13.17
N GLU A 102 -0.60 -4.60 13.26
CA GLU A 102 -1.00 -5.13 14.57
C GLU A 102 0.07 -6.02 15.20
N HIS A 103 1.17 -6.22 14.50
CA HIS A 103 2.27 -7.03 14.98
C HIS A 103 3.37 -6.15 15.52
N SER A 104 4.28 -6.72 16.30
CA SER A 104 5.44 -5.96 16.74
C SER A 104 6.43 -5.76 15.61
N TYR A 105 7.24 -4.72 15.71
CA TYR A 105 8.35 -4.54 14.77
C TYR A 105 9.30 -5.73 14.77
N LYS A 106 9.46 -6.41 15.89
CA LYS A 106 10.30 -7.60 15.91
C LYS A 106 9.72 -8.62 14.94
N GLU A 107 8.40 -8.81 14.98
CA GLU A 107 7.74 -9.77 14.07
C GLU A 107 7.87 -9.33 12.59
N LYS A 108 7.69 -8.04 12.33
CA LYS A 108 7.88 -7.46 10.97
C LYS A 108 9.29 -7.69 10.43
N MET A 109 10.31 -7.42 11.25
CA MET A 109 11.69 -7.65 10.87
C MET A 109 12.01 -9.14 10.63
N ARG A 110 11.53 -10.04 11.51
CA ARG A 110 11.74 -11.45 11.28
C ARG A 110 11.14 -11.89 9.94
N THR A 111 9.94 -11.39 9.62
CA THR A 111 9.29 -11.68 8.33
C THR A 111 10.07 -11.15 7.10
N ILE A 112 10.54 -9.91 7.19
CA ILE A 112 11.28 -9.29 6.13
C ILE A 112 12.65 -9.96 5.97
N LEU A 113 13.27 -10.40 7.06
CA LEU A 113 14.51 -11.16 6.94
C LEU A 113 14.32 -12.46 6.08
N LYS A 114 13.18 -13.12 6.26
CA LYS A 114 12.89 -14.31 5.45
C LYS A 114 12.76 -13.92 3.95
N MET A 115 12.16 -12.77 3.66
CA MET A 115 11.97 -12.27 2.27
C MET A 115 13.28 -12.06 1.55
N LEU A 116 14.30 -11.69 2.31
CA LEU A 116 15.56 -11.31 1.76
C LEU A 116 16.57 -12.44 1.61
N GLU A 117 16.19 -13.68 1.94
CA GLU A 117 17.13 -14.76 1.82
C GLU A 117 17.47 -14.86 0.35
N GLY A 118 18.76 -14.79 0.03
CA GLY A 118 19.20 -14.88 -1.35
C GLY A 118 19.05 -13.62 -2.16
N LYS A 119 18.79 -12.50 -1.50
CA LYS A 119 18.63 -11.26 -2.23
C LYS A 119 19.65 -10.22 -1.79
N ASP A 120 19.87 -9.24 -2.66
CA ASP A 120 20.69 -8.08 -2.34
C ASP A 120 20.07 -7.34 -1.16
N ARG A 121 20.87 -6.96 -0.19
CA ARG A 121 20.38 -6.40 1.10
C ARG A 121 20.39 -4.85 1.14
N ARG A 122 20.79 -4.19 0.06
CA ARG A 122 20.85 -2.72 0.04
C ARG A 122 19.46 -2.09 0.28
N ALA A 123 19.46 -1.04 1.09
CA ALA A 123 18.21 -0.37 1.48
C ALA A 123 18.46 1.08 1.86
N ALA A 124 17.40 1.83 2.11
CA ALA A 124 17.49 3.19 2.62
C ALA A 124 16.28 3.47 3.50
N PHE A 125 16.46 4.35 4.49
CA PHE A 125 15.36 5.05 5.10
C PHE A 125 15.24 6.41 4.41
N VAL A 126 14.01 6.82 4.12
CA VAL A 126 13.69 8.06 3.37
C VAL A 126 12.70 8.89 4.20
N CYS A 127 12.98 10.21 4.29
CA CYS A 127 12.10 11.15 4.98
C CYS A 127 11.78 12.35 4.11
N SER A 128 10.47 12.64 3.98
CA SER A 128 9.98 13.90 3.41
C SER A 128 9.45 14.80 4.55
N ALA A 129 10.11 15.92 4.71
CA ALA A 129 9.85 16.91 5.80
C ALA A 129 9.19 18.11 5.17
N THR A 130 8.05 18.51 5.70
CA THR A 130 7.23 19.56 5.10
C THR A 130 6.88 20.63 6.16
N PHE A 131 7.11 21.89 5.82
CA PHE A 131 6.63 23.08 6.55
C PHE A 131 5.48 23.75 5.79
N PHE A 132 4.40 24.05 6.52
CA PHE A 132 3.25 24.82 5.96
C PHE A 132 2.88 25.92 6.93
N ASP A 133 2.90 27.16 6.44
CA ASP A 133 2.30 28.28 7.10
C ASP A 133 0.94 28.61 6.41
N PRO A 134 -0.17 28.28 7.08
CA PRO A 134 -1.51 28.41 6.48
C PRO A 134 -2.01 29.85 6.47
N VAL A 135 -1.27 30.77 7.07
CA VAL A 135 -1.68 32.19 7.07
C VAL A 135 -1.14 32.84 5.78
N GLU A 136 0.15 32.65 5.52
CA GLU A 136 0.81 33.10 4.32
C GLU A 136 0.58 32.20 3.10
N ASN A 137 0.17 30.94 3.34
CA ASN A 137 0.09 29.87 2.31
C ASN A 137 1.43 29.64 1.67
N THR A 138 2.45 29.43 2.52
CA THR A 138 3.77 29.03 2.08
C THR A 138 3.93 27.58 2.45
N LEU A 139 4.27 26.77 1.47
CA LEU A 139 4.62 25.35 1.72
C LEU A 139 5.98 24.97 1.16
N ILE A 140 6.79 24.31 1.98
CA ILE A 140 8.14 23.91 1.63
C ILE A 140 8.27 22.45 2.01
N SER A 141 8.59 21.64 1.02
CA SER A 141 8.86 20.21 1.27
C SER A 141 10.17 19.78 0.67
N VAL A 142 10.96 19.07 1.47
CA VAL A 142 12.25 18.55 1.07
C VAL A 142 12.46 17.09 1.57
N GLU A 143 13.23 16.32 0.83
CA GLU A 143 13.46 14.93 1.12
C GLU A 143 14.96 14.65 1.37
N ASP A 144 15.22 13.69 2.21
CA ASP A 144 16.59 13.18 2.31
C ASP A 144 16.51 11.75 2.76
N ARG A 145 17.67 11.10 2.79
CA ARG A 145 17.76 9.67 3.01
C ARG A 145 19.06 9.25 3.67
N VAL A 146 19.02 8.07 4.29
CA VAL A 146 20.19 7.42 4.82
C VAL A 146 20.26 6.06 4.12
N GLU A 147 21.31 5.88 3.33
CA GLU A 147 21.50 4.64 2.59
C GLU A 147 22.18 3.68 3.55
N GLY A 148 21.88 2.40 3.36
CA GLY A 148 22.48 1.34 4.12
C GLY A 148 22.22 -0.05 3.60
N ARG A 149 22.12 -0.99 4.51
CA ARG A 149 21.84 -2.38 4.18
C ARG A 149 21.09 -3.07 5.33
N ILE A 150 20.33 -4.12 5.02
CA ILE A 150 19.65 -4.90 6.05
C ILE A 150 20.61 -5.92 6.63
N ALA A 151 20.66 -5.93 7.95
CA ALA A 151 21.50 -6.85 8.71
C ALA A 151 20.98 -8.26 8.52
N ASN A 152 21.76 -9.25 8.90
CA ASN A 152 21.37 -10.64 8.70
C ASN A 152 20.55 -11.19 9.86
N GLU A 153 20.54 -10.47 10.97
CA GLU A 153 19.73 -10.76 12.14
C GLU A 153 19.37 -9.43 12.84
N ILE A 154 18.33 -9.44 13.67
CA ILE A 154 17.97 -8.27 14.51
C ILE A 154 19.03 -8.10 15.60
N ARG A 155 19.51 -6.87 15.80
CA ARG A 155 20.54 -6.56 16.80
C ARG A 155 20.19 -5.26 17.50
N GLY A 156 20.16 -5.31 18.82
CA GLY A 156 19.85 -4.15 19.65
C GLY A 156 18.38 -3.87 19.83
N THR A 157 18.07 -3.05 20.83
CA THR A 157 16.72 -2.59 21.09
C THR A 157 16.64 -1.08 21.09
N GLY A 158 17.68 -0.39 20.65
CA GLY A 158 17.58 1.06 20.51
C GLY A 158 16.74 1.55 19.36
N GLY A 159 16.44 2.84 19.35
CA GLY A 159 15.70 3.45 18.27
C GLY A 159 14.22 3.08 18.30
N PHE A 160 13.64 2.97 17.10
CA PHE A 160 12.32 2.42 16.98
C PHE A 160 12.08 1.77 15.62
N GLY A 161 10.93 1.10 15.48
CA GLY A 161 10.58 0.48 14.21
C GLY A 161 11.62 -0.47 13.69
N TYR A 162 12.07 -0.23 12.45
CA TYR A 162 13.00 -1.13 11.76
C TYR A 162 14.45 -0.89 12.13
N ASP A 163 14.69 0.12 12.96
CA ASP A 163 16.09 0.38 13.40
C ASP A 163 16.97 -0.85 13.74
N PRO A 164 16.46 -1.82 14.51
CA PRO A 164 17.29 -2.95 14.89
C PRO A 164 17.78 -3.88 13.76
N PHE A 165 17.30 -3.72 12.53
CA PHE A 165 17.94 -4.46 11.43
C PHE A 165 18.46 -3.60 10.30
N PHE A 166 18.62 -2.29 10.53
CA PHE A 166 19.16 -1.39 9.50
C PHE A 166 20.55 -0.92 9.86
N ILE A 167 21.51 -1.23 8.97
CA ILE A 167 22.90 -0.80 9.13
C ILE A 167 23.17 0.36 8.17
N PRO A 168 23.48 1.56 8.68
CA PRO A 168 23.80 2.66 7.79
C PRO A 168 25.14 2.51 7.09
N ASP A 169 25.23 3.12 5.89
CA ASP A 169 26.49 3.23 5.16
C ASP A 169 27.52 3.79 6.11
N GLY A 170 28.71 3.18 6.11
CA GLY A 170 29.83 3.61 6.94
C GLY A 170 30.00 2.86 8.25
N TYR A 171 29.05 1.97 8.57
CA TYR A 171 28.98 1.31 9.91
C TYR A 171 28.71 -0.17 9.72
N ASP A 172 29.01 -0.96 10.75
CA ASP A 172 28.68 -2.39 10.79
C ASP A 172 27.65 -2.72 11.86
N LYS A 173 27.19 -1.70 12.59
CA LYS A 173 26.18 -1.92 13.62
C LYS A 173 24.85 -1.35 13.16
N THR A 174 23.77 -1.95 13.63
CA THR A 174 22.45 -1.42 13.35
C THR A 174 22.12 -0.14 14.14
N PHE A 175 21.09 0.58 13.67
CA PHE A 175 20.57 1.67 14.46
C PHE A 175 20.00 1.19 15.83
N GLY A 176 19.62 -0.09 15.96
CA GLY A 176 19.26 -0.63 17.27
C GLY A 176 20.44 -0.74 18.21
N GLU A 177 21.63 -0.99 17.64
CA GLU A 177 22.90 -1.05 18.36
C GLU A 177 23.53 0.30 18.67
N ILE A 178 23.43 1.25 17.73
CA ILE A 178 24.00 2.61 17.88
C ILE A 178 22.98 3.70 17.59
N PRO A 179 21.91 3.75 18.38
CA PRO A 179 20.85 4.68 18.10
C PRO A 179 21.30 6.14 18.19
N HIS A 180 22.36 6.45 18.97
CA HIS A 180 22.84 7.82 19.11
C HIS A 180 23.25 8.41 17.74
N LEU A 181 23.61 7.56 16.78
CA LEU A 181 24.07 8.13 15.49
C LEU A 181 22.90 8.69 14.63
N LYS A 182 21.67 8.39 15.01
CA LYS A 182 20.52 8.88 14.21
C LYS A 182 20.51 10.40 14.19
N GLU A 183 20.94 10.99 15.30
CA GLU A 183 20.96 12.45 15.45
C GLU A 183 21.81 13.11 14.38
N LYS A 184 22.90 12.44 13.97
CA LYS A 184 23.81 12.97 12.95
C LYS A 184 23.42 12.55 11.54
N ILE A 185 23.13 11.25 11.35
CA ILE A 185 23.02 10.73 9.98
C ILE A 185 21.68 10.19 9.49
N SER A 186 20.63 10.18 10.34
CA SER A 186 19.38 9.60 9.87
C SER A 186 18.73 10.43 8.76
N HIS A 187 17.89 9.76 7.98
CA HIS A 187 16.97 10.40 7.05
C HIS A 187 16.22 11.60 7.66
N ARG A 188 15.74 11.44 8.86
CA ARG A 188 14.94 12.46 9.52
C ARG A 188 15.77 13.64 9.92
N SER A 189 16.96 13.41 10.49
CA SER A 189 17.82 14.49 10.89
C SER A 189 18.28 15.25 9.68
N LYS A 190 18.62 14.52 8.62
CA LYS A 190 19.08 15.19 7.41
C LYS A 190 17.95 15.95 6.70
N ALA A 191 16.78 15.35 6.58
CA ALA A 191 15.66 16.04 5.90
C ALA A 191 15.22 17.28 6.65
N PHE A 192 15.10 17.16 7.97
CA PHE A 192 14.67 18.33 8.77
C PHE A 192 15.75 19.43 8.80
N ARG A 193 17.04 19.06 8.90
CA ARG A 193 18.08 20.08 8.78
C ARG A 193 18.05 20.77 7.43
N LYS A 194 17.79 20.02 6.36
CA LYS A 194 17.63 20.58 5.01
C LYS A 194 16.44 21.56 5.00
N LEU A 195 15.33 21.17 5.62
CA LEU A 195 14.18 22.08 5.78
C LEU A 195 14.55 23.32 6.58
N PHE A 196 15.23 23.14 7.72
CA PHE A 196 15.56 24.28 8.57
C PHE A 196 16.46 25.27 7.82
N SER A 197 17.39 24.73 7.03
CA SER A 197 18.28 25.56 6.24
C SER A 197 17.50 26.44 5.28
N VAL A 198 16.51 25.86 4.59
CA VAL A 198 15.68 26.66 3.73
C VAL A 198 14.94 27.75 4.54
N LEU A 199 14.33 27.36 5.64
CA LEU A 199 13.56 28.31 6.43
C LEU A 199 14.42 29.47 6.93
N GLU A 200 15.69 29.20 7.29
CA GLU A 200 16.61 30.26 7.68
C GLU A 200 16.87 31.26 6.57
N LYS A 201 16.87 30.79 5.34
CA LYS A 201 17.08 31.68 4.22
C LYS A 201 15.85 32.57 3.97
N ILE A 202 14.66 31.98 3.94
CA ILE A 202 13.46 32.68 3.42
C ILE A 202 12.56 33.38 4.43
N LEU A 203 12.63 33.01 5.71
CA LEU A 203 11.77 33.61 6.75
C LEU A 203 12.45 34.83 7.39
N LYS B 15 -29.32 -7.19 -25.16
CA LYS B 15 -30.13 -6.14 -24.46
C LYS B 15 -29.24 -5.06 -23.87
N LEU B 16 -28.20 -5.45 -23.14
CA LEU B 16 -27.26 -4.46 -22.57
C LEU B 16 -25.77 -4.74 -22.87
N THR B 17 -25.15 -3.80 -23.59
CA THR B 17 -23.71 -3.82 -23.83
C THR B 17 -23.01 -3.02 -22.73
N VAL B 18 -21.99 -3.61 -22.12
CA VAL B 18 -21.28 -3.02 -21.02
C VAL B 18 -19.77 -3.10 -21.28
N TYR B 19 -19.07 -1.99 -21.06
CA TYR B 19 -17.61 -2.01 -21.14
C TYR B 19 -17.01 -2.47 -19.83
N LEU B 20 -15.86 -3.15 -19.89
CA LEU B 20 -15.13 -3.49 -18.71
C LEU B 20 -13.94 -2.60 -18.57
N ALA B 21 -13.76 -2.11 -17.36
CA ALA B 21 -12.72 -1.14 -17.04
C ALA B 21 -11.38 -1.85 -16.73
N THR B 22 -10.96 -2.75 -17.61
CA THR B 22 -9.68 -3.45 -17.50
C THR B 22 -9.29 -4.00 -18.87
N THR B 23 -7.98 -4.06 -19.15
CA THR B 23 -7.49 -4.83 -20.29
C THR B 23 -6.82 -6.12 -19.87
N ASN B 24 -6.84 -6.41 -18.55
CA ASN B 24 -6.38 -7.70 -18.04
C ASN B 24 -7.16 -8.80 -18.74
N PRO B 25 -6.51 -9.55 -19.62
CA PRO B 25 -7.20 -10.54 -20.40
C PRO B 25 -7.81 -11.68 -19.61
N HIS B 26 -7.18 -12.03 -18.49
CA HIS B 26 -7.74 -13.08 -17.61
C HIS B 26 -9.03 -12.62 -16.96
N LYS B 27 -9.07 -11.37 -16.46
CA LYS B 27 -10.30 -10.81 -15.88
C LYS B 27 -11.38 -10.76 -16.97
N VAL B 28 -11.02 -10.33 -18.18
CA VAL B 28 -11.97 -10.24 -19.27
C VAL B 28 -12.58 -11.60 -19.57
N GLU B 29 -11.71 -12.58 -19.78
CA GLU B 29 -12.16 -13.95 -20.06
C GLU B 29 -13.04 -14.46 -18.93
N GLU B 30 -12.59 -14.26 -17.68
CA GLU B 30 -13.26 -14.82 -16.49
C GLU B 30 -14.64 -14.23 -16.34
N ILE B 31 -14.76 -12.94 -16.62
CA ILE B 31 -16.04 -12.26 -16.51
C ILE B 31 -16.96 -12.63 -17.68
N LYS B 32 -16.43 -12.61 -18.89
CA LYS B 32 -17.22 -13.01 -20.07
C LYS B 32 -17.78 -14.42 -19.91
N MET B 33 -17.02 -15.32 -19.28
CA MET B 33 -17.49 -16.71 -19.20
C MET B 33 -18.67 -16.95 -18.24
N ILE B 34 -18.97 -15.99 -17.38
CA ILE B 34 -20.16 -16.09 -16.52
C ILE B 34 -21.21 -15.01 -16.76
N ALA B 35 -21.00 -14.18 -17.77
CA ALA B 35 -21.96 -13.15 -18.08
C ALA B 35 -23.31 -13.77 -18.53
N PRO B 36 -24.43 -13.16 -18.17
CA PRO B 36 -25.72 -13.68 -18.59
C PRO B 36 -25.96 -13.42 -20.08
N GLU B 37 -26.89 -14.17 -20.69
CA GLU B 37 -27.11 -14.19 -22.14
C GLU B 37 -27.57 -12.83 -22.63
N TRP B 38 -28.15 -12.02 -21.74
CA TRP B 38 -28.66 -10.68 -22.05
C TRP B 38 -27.62 -9.55 -22.01
N MET B 39 -26.37 -9.87 -21.72
CA MET B 39 -25.35 -8.84 -21.57
C MET B 39 -24.18 -9.11 -22.49
N GLU B 40 -23.81 -8.10 -23.27
CA GLU B 40 -22.59 -8.14 -24.08
C GLU B 40 -21.50 -7.36 -23.37
N ILE B 41 -20.42 -8.04 -23.06
CA ILE B 41 -19.25 -7.46 -22.39
C ILE B 41 -18.13 -7.15 -23.40
N LEU B 42 -17.60 -5.93 -23.35
CA LEU B 42 -16.54 -5.46 -24.24
C LEU B 42 -15.40 -4.92 -23.40
N PRO B 43 -14.15 -5.29 -23.64
CA PRO B 43 -13.05 -4.64 -22.92
C PRO B 43 -13.02 -3.17 -23.35
N SER B 44 -12.55 -2.29 -22.47
CA SER B 44 -12.60 -0.87 -22.74
C SER B 44 -11.66 -0.63 -23.89
N PRO B 45 -12.14 0.06 -24.92
CA PRO B 45 -11.30 0.38 -26.07
C PRO B 45 -10.33 1.51 -25.81
N GLU B 46 -10.52 2.24 -24.71
CA GLU B 46 -9.56 3.25 -24.28
C GLU B 46 -9.03 2.84 -22.89
N LYS B 47 -7.71 2.72 -22.75
CA LYS B 47 -7.06 2.50 -21.44
C LYS B 47 -6.96 3.84 -20.67
N ILE B 48 -7.76 3.97 -19.63
CA ILE B 48 -7.96 5.25 -18.96
C ILE B 48 -7.13 5.18 -17.69
N GLU B 49 -6.40 6.25 -17.41
CA GLU B 49 -5.53 6.30 -16.22
C GLU B 49 -6.39 6.56 -14.98
N VAL B 50 -6.21 5.70 -13.97
CA VAL B 50 -6.86 5.88 -12.68
C VAL B 50 -5.81 5.74 -11.61
N VAL B 51 -5.72 6.72 -10.74
CA VAL B 51 -4.89 6.57 -9.53
C VAL B 51 -5.71 5.75 -8.50
N GLU B 52 -5.29 4.53 -8.33
CA GLU B 52 -5.97 3.57 -7.48
C GLU B 52 -5.44 3.64 -6.04
N ASP B 53 -5.82 4.73 -5.37
CA ASP B 53 -5.36 5.05 -4.03
C ASP B 53 -6.40 4.72 -2.92
N GLY B 54 -7.35 3.84 -3.21
CA GLY B 54 -8.32 3.45 -2.21
C GLY B 54 -7.67 2.55 -1.18
N GLU B 55 -8.14 2.63 0.05
CA GLU B 55 -7.63 1.77 1.10
C GLU B 55 -8.28 0.40 1.02
N THR B 56 -9.40 0.26 0.31
CA THR B 56 -10.15 -1.00 0.18
C THR B 56 -10.38 -1.35 -1.33
N PHE B 57 -10.68 -2.61 -1.58
CA PHE B 57 -11.07 -3.09 -2.92
C PHE B 57 -12.32 -2.30 -3.42
N LEU B 58 -13.32 -2.10 -2.55
CA LEU B 58 -14.57 -1.38 -2.94
C LEU B 58 -14.21 0.02 -3.42
N GLU B 59 -13.33 0.73 -2.71
CA GLU B 59 -13.05 2.12 -3.10
C GLU B 59 -12.34 2.17 -4.46
N ASN B 60 -11.42 1.23 -4.70
CA ASN B 60 -10.70 1.17 -5.99
C ASN B 60 -11.62 0.75 -7.15
N SER B 61 -12.49 -0.20 -6.88
CA SER B 61 -13.49 -0.64 -7.86
C SER B 61 -14.44 0.47 -8.24
N VAL B 62 -14.94 1.20 -7.25
CA VAL B 62 -15.81 2.35 -7.51
C VAL B 62 -15.10 3.44 -8.27
N LYS B 63 -13.91 3.79 -7.84
CA LYS B 63 -13.11 4.82 -8.52
C LYS B 63 -12.91 4.49 -10.02
N LYS B 64 -12.51 3.28 -10.32
CA LYS B 64 -12.32 2.85 -11.69
C LYS B 64 -13.62 2.93 -12.50
N ALA B 65 -14.72 2.41 -11.94
CA ALA B 65 -16.02 2.45 -12.60
C ALA B 65 -16.41 3.91 -12.94
N VAL B 66 -16.20 4.83 -11.99
CA VAL B 66 -16.65 6.20 -12.17
C VAL B 66 -15.81 6.97 -13.21
N VAL B 67 -14.50 6.80 -13.15
CA VAL B 67 -13.61 7.44 -14.07
C VAL B 67 -13.83 6.95 -15.50
N TYR B 68 -13.90 5.63 -15.63
CA TYR B 68 -14.13 5.04 -16.96
C TYR B 68 -15.51 5.40 -17.53
N GLY B 69 -16.55 5.31 -16.71
CA GLY B 69 -17.88 5.67 -17.14
C GLY B 69 -17.99 7.13 -17.53
N LYS B 70 -17.40 8.03 -16.74
CA LYS B 70 -17.44 9.46 -17.09
C LYS B 70 -16.80 9.72 -18.45
N LYS B 71 -15.76 8.96 -18.78
CA LYS B 71 -15.05 9.16 -20.04
C LYS B 71 -15.77 8.52 -21.21
N LEU B 72 -16.21 7.29 -21.00
CA LEU B 72 -16.87 6.50 -22.07
C LEU B 72 -18.35 6.90 -22.34
N LYS B 73 -19.00 7.52 -21.34
CA LYS B 73 -20.37 7.96 -21.43
C LYS B 73 -21.30 6.80 -21.84
N HIS B 74 -21.01 5.64 -21.27
CA HIS B 74 -21.68 4.37 -21.55
C HIS B 74 -21.55 3.50 -20.28
N PRO B 75 -22.50 2.60 -19.98
CA PRO B 75 -22.30 1.70 -18.84
C PRO B 75 -21.01 0.88 -18.86
N VAL B 76 -20.41 0.78 -17.69
CA VAL B 76 -19.15 0.08 -17.47
C VAL B 76 -19.28 -0.79 -16.23
N MET B 77 -18.46 -1.82 -16.16
CA MET B 77 -18.19 -2.50 -14.88
C MET B 77 -16.70 -2.49 -14.57
N ALA B 78 -16.37 -2.49 -13.28
CA ALA B 78 -15.00 -2.50 -12.81
C ALA B 78 -14.81 -3.64 -11.80
N ASP B 79 -13.56 -4.09 -11.66
CA ASP B 79 -13.16 -5.18 -10.76
C ASP B 79 -11.94 -4.69 -10.01
N ASP B 80 -11.98 -4.66 -8.68
CA ASP B 80 -10.72 -4.56 -7.93
C ASP B 80 -10.67 -5.76 -7.01
N SER B 81 -9.58 -6.49 -7.14
CA SER B 81 -9.45 -7.79 -6.46
C SER B 81 -8.06 -7.96 -5.88
N GLY B 82 -7.94 -8.93 -4.95
CA GLY B 82 -6.65 -9.19 -4.33
C GLY B 82 -6.61 -10.40 -3.43
N LEU B 83 -5.39 -10.78 -3.08
CA LEU B 83 -5.11 -11.84 -2.12
C LEU B 83 -4.86 -11.24 -0.74
N VAL B 84 -5.57 -11.78 0.24
CA VAL B 84 -5.50 -11.35 1.62
C VAL B 84 -5.02 -12.51 2.49
N ILE B 85 -3.81 -12.40 3.04
CA ILE B 85 -3.25 -13.43 3.88
C ILE B 85 -3.31 -12.91 5.30
N TYR B 86 -4.11 -13.58 6.11
CA TYR B 86 -4.51 -13.03 7.42
C TYR B 86 -3.34 -12.86 8.38
N SER B 87 -2.43 -13.83 8.37
CA SER B 87 -1.28 -13.81 9.30
C SER B 87 -0.25 -12.75 8.94
N LEU B 88 -0.38 -12.19 7.72
CA LEU B 88 0.47 -11.07 7.26
C LEU B 88 -0.30 -9.73 7.29
N GLY B 89 -1.26 -9.63 8.22
CA GLY B 89 -2.07 -8.45 8.38
C GLY B 89 -2.94 -8.12 7.17
N GLY B 90 -3.25 -9.12 6.35
CA GLY B 90 -4.07 -8.86 5.16
C GLY B 90 -3.29 -8.58 3.86
N PHE B 91 -1.97 -8.62 3.96
CA PHE B 91 -1.06 -8.45 2.83
C PHE B 91 -1.21 -9.62 1.86
N PRO B 92 -0.99 -9.41 0.56
CA PRO B 92 -0.72 -8.07 -0.05
C PRO B 92 -1.95 -7.18 -0.25
N GLY B 93 -3.13 -7.78 -0.27
CA GLY B 93 -4.38 -6.97 -0.28
C GLY B 93 -4.51 -6.06 -1.50
N VAL B 94 -4.75 -4.75 -1.28
CA VAL B 94 -4.87 -3.80 -2.42
C VAL B 94 -3.51 -3.56 -3.14
N MET B 95 -2.42 -3.98 -2.49
CA MET B 95 -1.11 -3.98 -3.11
C MET B 95 -0.80 -5.29 -3.84
N SER B 96 -1.79 -6.13 -4.18
CA SER B 96 -1.51 -7.44 -4.77
C SER B 96 -0.72 -7.34 -6.08
N ALA B 97 -1.07 -6.38 -6.91
CA ALA B 97 -0.33 -6.15 -8.17
C ALA B 97 0.93 -5.31 -8.01
N ARG B 98 0.84 -4.28 -7.20
CA ARG B 98 1.89 -3.28 -7.02
C ARG B 98 3.11 -3.85 -6.28
N PHE B 99 2.86 -4.81 -5.40
CA PHE B 99 3.95 -5.52 -4.69
C PHE B 99 4.92 -6.15 -5.68
N MET B 100 6.22 -5.84 -5.56
CA MET B 100 7.25 -6.30 -6.49
C MET B 100 6.75 -6.33 -7.95
N GLU B 101 6.14 -5.23 -8.38
CA GLU B 101 5.44 -5.19 -9.69
C GLU B 101 6.32 -5.43 -10.87
N GLU B 102 7.63 -5.22 -10.74
CA GLU B 102 8.57 -5.49 -11.84
C GLU B 102 9.03 -6.94 -11.88
N HIS B 103 8.55 -7.75 -10.95
CA HIS B 103 8.92 -9.18 -10.88
C HIS B 103 7.78 -10.06 -11.36
N SER B 104 8.08 -11.29 -11.69
CA SER B 104 7.04 -12.21 -12.07
C SER B 104 6.26 -12.64 -10.87
N TYR B 105 5.02 -13.05 -11.07
CA TYR B 105 4.26 -13.62 -9.97
C TYR B 105 4.97 -14.83 -9.34
N LYS B 106 5.73 -15.58 -10.14
CA LYS B 106 6.50 -16.70 -9.61
C LYS B 106 7.47 -16.22 -8.53
N GLU B 107 8.20 -15.16 -8.79
CA GLU B 107 9.09 -14.58 -7.79
C GLU B 107 8.33 -13.99 -6.58
N LYS B 108 7.18 -13.38 -6.84
CA LYS B 108 6.34 -12.84 -5.76
C LYS B 108 5.86 -13.99 -4.86
N MET B 109 5.40 -15.10 -5.46
CA MET B 109 5.01 -16.28 -4.68
C MET B 109 6.18 -16.88 -3.90
N ARG B 110 7.34 -17.05 -4.53
CA ARG B 110 8.50 -17.55 -3.79
C ARG B 110 8.79 -16.71 -2.54
N THR B 111 8.72 -15.39 -2.71
CA THR B 111 9.02 -14.46 -1.63
C THR B 111 7.97 -14.57 -0.50
N ILE B 112 6.69 -14.57 -0.89
CA ILE B 112 5.61 -14.76 0.05
C ILE B 112 5.70 -16.09 0.78
N LEU B 113 6.10 -17.17 0.09
CA LEU B 113 6.28 -18.44 0.75
C LEU B 113 7.30 -18.34 1.89
N LYS B 114 8.37 -17.60 1.65
CA LYS B 114 9.43 -17.41 2.67
C LYS B 114 8.84 -16.60 3.86
N MET B 115 8.08 -15.54 3.58
CA MET B 115 7.40 -14.76 4.62
C MET B 115 6.51 -15.62 5.51
N LEU B 116 5.92 -16.65 4.94
CA LEU B 116 4.91 -17.42 5.66
C LEU B 116 5.48 -18.57 6.45
N GLU B 117 6.77 -18.82 6.33
CA GLU B 117 7.33 -19.98 7.04
C GLU B 117 6.99 -19.85 8.54
N GLY B 118 6.40 -20.90 9.09
CA GLY B 118 6.05 -20.91 10.49
C GLY B 118 4.77 -20.17 10.89
N LYS B 119 4.03 -19.62 9.91
CA LYS B 119 2.82 -18.84 10.22
C LYS B 119 1.55 -19.60 9.81
N ASP B 120 0.44 -19.13 10.34
CA ASP B 120 -0.89 -19.53 9.92
C ASP B 120 -0.95 -19.26 8.40
N ARG B 121 -1.50 -20.19 7.63
CA ARG B 121 -1.48 -20.06 6.16
C ARG B 121 -2.87 -19.77 5.54
N ARG B 122 -3.82 -19.37 6.34
CA ARG B 122 -5.16 -19.03 5.81
C ARG B 122 -5.16 -17.79 4.94
N ALA B 123 -6.02 -17.77 3.94
CA ALA B 123 -6.09 -16.59 3.07
C ALA B 123 -7.43 -16.58 2.33
N ALA B 124 -7.70 -15.47 1.63
CA ALA B 124 -8.84 -15.35 0.78
C ALA B 124 -8.46 -14.51 -0.42
N PHE B 125 -9.07 -14.82 -1.55
CA PHE B 125 -9.17 -13.90 -2.63
C PHE B 125 -10.47 -13.13 -2.44
N VAL B 126 -10.40 -11.82 -2.66
CA VAL B 126 -11.54 -10.94 -2.52
C VAL B 126 -11.76 -10.15 -3.84
N CYS B 127 -13.02 -10.04 -4.26
CA CYS B 127 -13.39 -9.27 -5.46
C CYS B 127 -14.50 -8.27 -5.18
N SER B 128 -14.26 -6.99 -5.47
CA SER B 128 -15.33 -6.00 -5.50
C SER B 128 -15.68 -5.71 -6.99
N ALA B 129 -16.92 -5.96 -7.34
CA ALA B 129 -17.46 -5.82 -8.66
C ALA B 129 -18.44 -4.62 -8.67
N THR B 130 -18.20 -3.68 -9.57
CA THR B 130 -19.00 -2.45 -9.62
C THR B 130 -19.57 -2.23 -11.02
N PHE B 131 -20.86 -1.87 -11.09
CA PHE B 131 -21.53 -1.37 -12.30
C PHE B 131 -21.82 0.09 -12.14
N PHE B 132 -21.58 0.86 -13.21
CA PHE B 132 -21.91 2.27 -13.25
C PHE B 132 -22.54 2.64 -14.58
N ASP B 133 -23.72 3.29 -14.52
CA ASP B 133 -24.38 3.84 -15.69
C ASP B 133 -24.27 5.35 -15.57
N PRO B 134 -23.36 5.96 -16.32
CA PRO B 134 -23.13 7.41 -16.18
C PRO B 134 -24.23 8.26 -16.72
N VAL B 135 -25.17 7.68 -17.47
CA VAL B 135 -26.26 8.50 -18.02
C VAL B 135 -27.32 8.66 -16.94
N GLU B 136 -27.67 7.58 -16.27
CA GLU B 136 -28.65 7.62 -15.19
C GLU B 136 -28.05 7.99 -13.82
N ASN B 137 -26.72 7.87 -13.68
CA ASN B 137 -26.01 7.99 -12.42
C ASN B 137 -26.46 6.93 -11.41
N THR B 138 -26.43 5.66 -11.83
CA THR B 138 -26.70 4.51 -10.97
C THR B 138 -25.39 3.78 -10.81
N LEU B 139 -25.03 3.51 -9.58
CA LEU B 139 -23.83 2.80 -9.25
C LEU B 139 -24.18 1.67 -8.29
N ILE B 140 -23.73 0.47 -8.63
CA ILE B 140 -23.94 -0.72 -7.78
C ILE B 140 -22.62 -1.46 -7.62
N SER B 141 -22.18 -1.66 -6.37
CA SER B 141 -20.94 -2.39 -6.02
C SER B 141 -21.24 -3.49 -4.98
N VAL B 142 -20.79 -4.71 -5.28
CA VAL B 142 -20.98 -5.85 -4.37
C VAL B 142 -19.64 -6.61 -4.29
N GLU B 143 -19.39 -7.21 -3.15
CA GLU B 143 -18.14 -7.91 -2.89
C GLU B 143 -18.39 -9.37 -2.54
N ASP B 144 -17.46 -10.23 -2.95
CA ASP B 144 -17.45 -11.58 -2.47
C ASP B 144 -16.00 -12.10 -2.42
N ARG B 145 -15.85 -13.30 -1.85
CA ARG B 145 -14.55 -13.85 -1.56
C ARG B 145 -14.57 -15.37 -1.58
N VAL B 146 -13.39 -15.96 -1.74
CA VAL B 146 -13.27 -17.42 -1.63
C VAL B 146 -12.19 -17.66 -0.57
N GLU B 147 -12.56 -18.38 0.49
CA GLU B 147 -11.63 -18.69 1.57
C GLU B 147 -10.77 -19.93 1.25
N GLY B 148 -9.54 -19.90 1.70
CA GLY B 148 -8.61 -20.97 1.40
C GLY B 148 -7.34 -20.88 2.20
N ARG B 149 -6.27 -21.47 1.66
CA ARG B 149 -4.98 -21.49 2.30
C ARG B 149 -3.90 -21.42 1.24
N ILE B 150 -2.74 -20.92 1.65
CA ILE B 150 -1.57 -20.94 0.82
C ILE B 150 -0.89 -22.28 0.90
N ALA B 151 -0.60 -22.79 -0.27
CA ALA B 151 0.11 -24.09 -0.45
C ALA B 151 1.57 -23.98 0.00
N ASN B 152 2.26 -25.12 0.19
CA ASN B 152 3.69 -25.10 0.53
C ASN B 152 4.61 -24.84 -0.66
N GLU B 153 4.10 -24.89 -1.89
CA GLU B 153 4.88 -24.68 -3.10
C GLU B 153 3.96 -24.17 -4.18
N ILE B 154 4.54 -23.62 -5.22
CA ILE B 154 3.81 -23.16 -6.39
C ILE B 154 3.46 -24.42 -7.16
N ARG B 155 2.18 -24.58 -7.59
CA ARG B 155 1.77 -25.73 -8.39
C ARG B 155 0.82 -25.29 -9.47
N GLY B 156 1.16 -25.67 -10.72
CA GLY B 156 0.35 -25.34 -11.89
C GLY B 156 0.68 -23.98 -12.49
N THR B 157 0.26 -23.80 -13.73
CA THR B 157 0.45 -22.55 -14.46
C THR B 157 -0.87 -21.96 -14.94
N GLY B 158 -1.98 -22.55 -14.48
CA GLY B 158 -3.30 -22.10 -14.83
C GLY B 158 -3.69 -20.78 -14.18
N GLY B 159 -4.73 -20.15 -14.71
CA GLY B 159 -5.20 -18.89 -14.15
C GLY B 159 -4.16 -17.77 -14.26
N PHE B 160 -4.07 -16.91 -13.24
CA PHE B 160 -3.10 -15.80 -13.24
C PHE B 160 -2.74 -15.31 -11.83
N GLY B 161 -1.75 -14.43 -11.73
CA GLY B 161 -1.45 -13.80 -10.48
C GLY B 161 -1.01 -14.85 -9.46
N TYR B 162 -1.64 -14.81 -8.29
CA TYR B 162 -1.25 -15.75 -7.21
C TYR B 162 -1.97 -17.08 -7.27
N ASP B 163 -2.78 -17.31 -8.31
CA ASP B 163 -3.52 -18.58 -8.43
C ASP B 163 -2.70 -19.87 -8.14
N PRO B 164 -1.49 -20.00 -8.69
CA PRO B 164 -0.71 -21.22 -8.45
C PRO B 164 -0.27 -21.55 -7.01
N PHE B 165 -0.46 -20.67 -6.01
CA PHE B 165 -0.24 -21.10 -4.58
C PHE B 165 -1.43 -20.96 -3.63
N PHE B 166 -2.62 -20.80 -4.21
CA PHE B 166 -3.87 -20.67 -3.43
C PHE B 166 -4.76 -21.90 -3.61
N ILE B 167 -5.06 -22.57 -2.50
CA ILE B 167 -5.94 -23.76 -2.52
C ILE B 167 -7.29 -23.37 -1.89
N PRO B 168 -8.39 -23.42 -2.66
CA PRO B 168 -9.69 -23.09 -2.11
C PRO B 168 -10.18 -24.20 -1.21
N ASP B 169 -10.90 -23.82 -0.14
CA ASP B 169 -11.46 -24.80 0.78
C ASP B 169 -12.32 -25.76 0.01
N GLY B 170 -12.27 -27.02 0.44
CA GLY B 170 -12.99 -28.11 -0.26
C GLY B 170 -12.15 -28.85 -1.28
N TYR B 171 -10.93 -28.35 -1.54
CA TYR B 171 -10.04 -28.92 -2.55
C TYR B 171 -8.62 -29.10 -2.04
N ASP B 172 -7.85 -29.94 -2.73
CA ASP B 172 -6.47 -30.11 -2.39
C ASP B 172 -5.50 -29.59 -3.47
N LYS B 173 -6.05 -28.97 -4.52
CA LYS B 173 -5.23 -28.44 -5.63
C LYS B 173 -5.35 -26.92 -5.69
N THR B 174 -4.33 -26.26 -6.23
CA THR B 174 -4.34 -24.81 -6.34
C THR B 174 -5.18 -24.36 -7.51
N PHE B 175 -5.52 -23.10 -7.52
CA PHE B 175 -6.20 -22.58 -8.68
C PHE B 175 -5.30 -22.68 -9.91
N GLY B 176 -3.98 -22.73 -9.74
CA GLY B 176 -3.07 -23.00 -10.87
C GLY B 176 -3.28 -24.39 -11.51
N GLU B 177 -3.62 -25.35 -10.65
CA GLU B 177 -3.88 -26.72 -11.05
C GLU B 177 -5.31 -26.98 -11.54
N ILE B 178 -6.29 -26.37 -10.89
CA ILE B 178 -7.69 -26.50 -11.26
C ILE B 178 -8.35 -25.14 -11.65
N PRO B 179 -7.80 -24.45 -12.66
CA PRO B 179 -8.35 -23.15 -13.10
C PRO B 179 -9.79 -23.25 -13.62
N HIS B 180 -10.13 -24.37 -14.21
CA HIS B 180 -11.50 -24.60 -14.65
C HIS B 180 -12.54 -24.44 -13.53
N LEU B 181 -12.12 -24.52 -12.27
CA LEU B 181 -13.08 -24.45 -11.17
C LEU B 181 -13.37 -23.00 -10.76
N LYS B 182 -12.55 -22.07 -11.25
CA LYS B 182 -12.75 -20.65 -10.94
C LYS B 182 -14.15 -20.18 -11.36
N GLU B 183 -14.62 -20.63 -12.53
CA GLU B 183 -15.93 -20.24 -13.01
C GLU B 183 -17.02 -20.53 -11.98
N LYS B 184 -16.80 -21.55 -11.18
CA LYS B 184 -17.80 -22.07 -10.28
C LYS B 184 -17.65 -21.45 -8.87
N ILE B 185 -16.41 -21.36 -8.38
CA ILE B 185 -16.18 -21.00 -6.98
C ILE B 185 -15.35 -19.74 -6.65
N SER B 186 -14.77 -19.07 -7.62
CA SER B 186 -13.82 -17.98 -7.29
C SER B 186 -14.57 -16.76 -6.75
N HIS B 187 -13.80 -15.90 -6.07
CA HIS B 187 -14.24 -14.58 -5.65
C HIS B 187 -14.88 -13.79 -6.80
N ARG B 188 -14.24 -13.79 -7.97
CA ARG B 188 -14.70 -13.00 -9.14
C ARG B 188 -16.01 -13.55 -9.69
N SER B 189 -16.15 -14.87 -9.77
CA SER B 189 -17.40 -15.47 -10.23
C SER B 189 -18.55 -15.18 -9.28
N LYS B 190 -18.29 -15.28 -7.98
CA LYS B 190 -19.35 -15.03 -7.01
C LYS B 190 -19.75 -13.55 -6.96
N ALA B 191 -18.77 -12.65 -6.99
CA ALA B 191 -19.02 -11.21 -6.94
C ALA B 191 -19.81 -10.71 -8.14
N PHE B 192 -19.37 -11.12 -9.32
CA PHE B 192 -20.10 -10.79 -10.54
C PHE B 192 -21.48 -11.41 -10.69
N ARG B 193 -21.63 -12.69 -10.37
CA ARG B 193 -22.95 -13.28 -10.29
C ARG B 193 -23.89 -12.54 -9.34
N LYS B 194 -23.39 -12.12 -8.20
CA LYS B 194 -24.13 -11.30 -7.24
C LYS B 194 -24.51 -9.98 -7.89
N LEU B 195 -23.57 -9.37 -8.63
CA LEU B 195 -23.84 -8.12 -9.33
C LEU B 195 -24.89 -8.30 -10.41
N PHE B 196 -24.78 -9.38 -11.19
CA PHE B 196 -25.71 -9.59 -12.32
C PHE B 196 -27.11 -9.90 -11.80
N SER B 197 -27.19 -10.59 -10.65
CA SER B 197 -28.48 -10.86 -10.00
C SER B 197 -29.22 -9.57 -9.67
N VAL B 198 -28.51 -8.66 -8.98
CA VAL B 198 -29.05 -7.34 -8.71
C VAL B 198 -29.53 -6.69 -10.04
N LEU B 199 -28.64 -6.62 -11.03
CA LEU B 199 -29.01 -5.99 -12.30
C LEU B 199 -30.26 -6.59 -12.96
N GLU B 200 -30.37 -7.91 -12.93
CA GLU B 200 -31.52 -8.62 -13.47
C GLU B 200 -32.83 -8.20 -12.80
N LYS B 201 -32.76 -7.95 -11.50
CA LYS B 201 -33.92 -7.47 -10.78
C LYS B 201 -34.29 -6.02 -11.15
N ILE B 202 -33.31 -5.15 -11.31
CA ILE B 202 -33.56 -3.71 -11.46
C ILE B 202 -33.35 -3.16 -12.87
N LEU B 203 -33.24 -4.04 -13.87
CA LEU B 203 -33.25 -3.63 -15.27
C LEU B 203 -34.27 -4.47 -16.02
#